data_4W5L
# 
_entry.id   4W5L 
# 
_audit_conform.dict_name       mmcif_pdbx.dic 
_audit_conform.dict_version    5.383 
_audit_conform.dict_location   http://mmcif.pdb.org/dictionaries/ascii/mmcif_pdbx.dic 
# 
loop_
_database_2.database_id 
_database_2.database_code 
_database_2.pdbx_database_accession 
_database_2.pdbx_DOI 
PDB   4W5L         pdb_00004w5l 10.2210/pdb4w5l/pdb 
WWPDB D_1000203191 ?            ?                   
# 
loop_
_pdbx_audit_revision_history.ordinal 
_pdbx_audit_revision_history.data_content_type 
_pdbx_audit_revision_history.major_revision 
_pdbx_audit_revision_history.minor_revision 
_pdbx_audit_revision_history.revision_date 
1 'Structure model' 1 0 2015-05-27 
2 'Structure model' 1 1 2015-06-03 
3 'Structure model' 1 2 2015-07-01 
4 'Structure model' 1 3 2017-11-22 
5 'Structure model' 1 4 2023-12-27 
# 
_pdbx_audit_revision_details.ordinal             1 
_pdbx_audit_revision_details.revision_ordinal    1 
_pdbx_audit_revision_details.data_content_type   'Structure model' 
_pdbx_audit_revision_details.provider            repository 
_pdbx_audit_revision_details.type                'Initial release' 
_pdbx_audit_revision_details.description         ? 
_pdbx_audit_revision_details.details             ? 
# 
loop_
_pdbx_audit_revision_group.ordinal 
_pdbx_audit_revision_group.revision_ordinal 
_pdbx_audit_revision_group.data_content_type 
_pdbx_audit_revision_group.group 
1 2 'Structure model' 'Derived calculations'   
2 3 'Structure model' 'Database references'    
3 4 'Structure model' 'Database references'    
4 4 'Structure model' 'Derived calculations'   
5 4 'Structure model' 'Refinement description' 
6 4 'Structure model' 'Source and taxonomy'    
7 5 'Structure model' 'Data collection'        
8 5 'Structure model' 'Database references'    
9 5 'Structure model' 'Derived calculations'   
# 
loop_
_pdbx_audit_revision_category.ordinal 
_pdbx_audit_revision_category.revision_ordinal 
_pdbx_audit_revision_category.data_content_type 
_pdbx_audit_revision_category.category 
1  4 'Structure model' citation                     
2  4 'Structure model' pdbx_entity_src_syn          
3  4 'Structure model' pdbx_struct_assembly         
4  4 'Structure model' pdbx_struct_assembly_gen     
5  4 'Structure model' pdbx_struct_oper_list        
6  4 'Structure model' software                     
7  5 'Structure model' chem_comp_atom               
8  5 'Structure model' chem_comp_bond               
9  5 'Structure model' database_2                   
10 5 'Structure model' pdbx_struct_special_symmetry 
# 
loop_
_pdbx_audit_revision_item.ordinal 
_pdbx_audit_revision_item.revision_ordinal 
_pdbx_audit_revision_item.data_content_type 
_pdbx_audit_revision_item.item 
1 4 'Structure model' '_citation.journal_id_CSD'                  
2 4 'Structure model' '_pdbx_entity_src_syn.pdbx_alt_source_flag' 
3 4 'Structure model' '_pdbx_struct_assembly.oligomeric_details'  
4 4 'Structure model' '_pdbx_struct_assembly_gen.asym_id_list'    
5 4 'Structure model' '_pdbx_struct_oper_list.symmetry_operation' 
6 5 'Structure model' '_database_2.pdbx_DOI'                      
7 5 'Structure model' '_database_2.pdbx_database_accession'       
# 
_pdbx_database_status.status_code                     REL 
_pdbx_database_status.status_code_sf                  REL 
_pdbx_database_status.status_code_mr                  ? 
_pdbx_database_status.entry_id                        4W5L 
_pdbx_database_status.recvd_initial_deposition_date   2014-08-18 
_pdbx_database_status.SG_entry                        N 
_pdbx_database_status.deposit_site                    RCSB 
_pdbx_database_status.process_site                    RCSB 
_pdbx_database_status.status_code_cs                  ? 
_pdbx_database_status.methods_development_category    ? 
_pdbx_database_status.pdb_format_compatible           Y 
_pdbx_database_status.status_code_nmr_data            ? 
# 
loop_
_pdbx_database_related.content_type 
_pdbx_database_related.db_id 
_pdbx_database_related.db_name 
_pdbx_database_related.details 
unspecified 4W5M PDB . 
unspecified 4W5P PDB . 
unspecified 4TUT PDB . 
unspecified 4UBY PDB . 
unspecified 4UBZ PDB . 
unspecified 4W67 PDB . 
unspecified 4W71 PDB . 
unspecified 4WBU PDB . 
unspecified 4WBV PDB . 
# 
loop_
_audit_author.name 
_audit_author.pdbx_ordinal 
'Yu, L.'     1 
'Lee, S.-J.' 2 
'Yee, V.'    3 
# 
_citation.abstract                  ? 
_citation.abstract_id_CAS           ? 
_citation.book_id_ISBN              ? 
_citation.book_publisher            ? 
_citation.book_publisher_city       ? 
_citation.book_title                ? 
_citation.coordinate_linkage        ? 
_citation.country                   US 
_citation.database_id_Medline       ? 
_citation.details                   ? 
_citation.id                        primary 
_citation.journal_abbrev            Biochemistry 
_citation.journal_id_ASTM           BICHAW 
_citation.journal_id_CSD            0033 
_citation.journal_id_ISSN           0006-2960 
_citation.journal_full              ? 
_citation.journal_issue             ? 
_citation.journal_volume            54 
_citation.language                  ? 
_citation.page_first                3640 
_citation.page_last                 3648 
_citation.title                     
'Crystal Structures of Polymorphic Prion Protein beta 1 Peptides Reveal Variable Steric Zipper Conformations.' 
_citation.year                      2015 
_citation.database_id_CSD           ? 
_citation.pdbx_database_id_DOI      10.1021/acs.biochem.5b00425 
_citation.pdbx_database_id_PubMed   25978088 
_citation.unpublished_flag          ? 
# 
loop_
_citation_author.citation_id 
_citation_author.name 
_citation_author.ordinal 
_citation_author.identifier_ORCID 
primary 'Yu, L.'    1 ? 
primary 'Lee, S.J.' 2 ? 
primary 'Yee, V.C.' 3 ? 
# 
loop_
_entity.id 
_entity.type 
_entity.src_method 
_entity.pdbx_description 
_entity.formula_weight 
_entity.pdbx_number_of_molecules 
_entity.pdbx_ec 
_entity.pdbx_mutation 
_entity.pdbx_fragment 
_entity.details 
1 polymer syn 'PrP peptide' 665.738 2  ? ? ? ? 
2 water   nat water         18.015  11 ? ? ? ? 
# 
_entity_poly.entity_id                      1 
_entity_poly.type                           'polypeptide(L)' 
_entity_poly.nstd_linkage                   no 
_entity_poly.nstd_monomer                   no 
_entity_poly.pdbx_seq_one_letter_code       GGYLLGS 
_entity_poly.pdbx_seq_one_letter_code_can   GGYLLGS 
_entity_poly.pdbx_strand_id                 A,B 
_entity_poly.pdbx_target_identifier         ? 
# 
_pdbx_entity_nonpoly.entity_id   2 
_pdbx_entity_nonpoly.name        water 
_pdbx_entity_nonpoly.comp_id     HOH 
# 
loop_
_entity_poly_seq.entity_id 
_entity_poly_seq.num 
_entity_poly_seq.mon_id 
_entity_poly_seq.hetero 
1 1 GLY n 
1 2 GLY n 
1 3 TYR n 
1 4 LEU n 
1 5 LEU n 
1 6 GLY n 
1 7 SER n 
# 
_pdbx_entity_src_syn.entity_id              1 
_pdbx_entity_src_syn.pdbx_src_id            1 
_pdbx_entity_src_syn.pdbx_alt_source_flag   sample 
_pdbx_entity_src_syn.pdbx_beg_seq_num       1 
_pdbx_entity_src_syn.pdbx_end_seq_num       7 
_pdbx_entity_src_syn.organism_scientific    'synthetic construct' 
_pdbx_entity_src_syn.organism_common_name   ? 
_pdbx_entity_src_syn.ncbi_taxonomy_id       32630 
_pdbx_entity_src_syn.details                synthetic 
# 
loop_
_chem_comp.id 
_chem_comp.type 
_chem_comp.mon_nstd_flag 
_chem_comp.name 
_chem_comp.pdbx_synonyms 
_chem_comp.formula 
_chem_comp.formula_weight 
GLY 'peptide linking'   y GLYCINE  ? 'C2 H5 N O2'  75.067  
HOH non-polymer         . WATER    ? 'H2 O'        18.015  
LEU 'L-peptide linking' y LEUCINE  ? 'C6 H13 N O2' 131.173 
SER 'L-peptide linking' y SERINE   ? 'C3 H7 N O3'  105.093 
TYR 'L-peptide linking' y TYROSINE ? 'C9 H11 N O3' 181.189 
# 
loop_
_pdbx_poly_seq_scheme.asym_id 
_pdbx_poly_seq_scheme.entity_id 
_pdbx_poly_seq_scheme.seq_id 
_pdbx_poly_seq_scheme.mon_id 
_pdbx_poly_seq_scheme.ndb_seq_num 
_pdbx_poly_seq_scheme.pdb_seq_num 
_pdbx_poly_seq_scheme.auth_seq_num 
_pdbx_poly_seq_scheme.pdb_mon_id 
_pdbx_poly_seq_scheme.auth_mon_id 
_pdbx_poly_seq_scheme.pdb_strand_id 
_pdbx_poly_seq_scheme.pdb_ins_code 
_pdbx_poly_seq_scheme.hetero 
A 1 1 GLY 1 126 126 GLY GLY A . n 
A 1 2 GLY 2 127 127 GLY GLY A . n 
A 1 3 TYR 3 128 128 TYR TYR A . n 
A 1 4 LEU 4 129 129 LEU LEU A . n 
A 1 5 LEU 5 130 130 LEU LEU A . n 
A 1 6 GLY 6 131 131 GLY GLY A . n 
A 1 7 SER 7 132 132 SER SER A . n 
B 1 1 GLY 1 126 126 GLY GLY B . n 
B 1 2 GLY 2 127 127 GLY GLY B . n 
B 1 3 TYR 3 128 128 TYR TYR B . n 
B 1 4 LEU 4 129 129 LEU LEU B . n 
B 1 5 LEU 5 130 130 LEU LEU B . n 
B 1 6 GLY 6 131 131 GLY GLY B . n 
B 1 7 SER 7 132 132 SER SER B . n 
# 
loop_
_pdbx_nonpoly_scheme.asym_id 
_pdbx_nonpoly_scheme.entity_id 
_pdbx_nonpoly_scheme.mon_id 
_pdbx_nonpoly_scheme.ndb_seq_num 
_pdbx_nonpoly_scheme.pdb_seq_num 
_pdbx_nonpoly_scheme.auth_seq_num 
_pdbx_nonpoly_scheme.pdb_mon_id 
_pdbx_nonpoly_scheme.auth_mon_id 
_pdbx_nonpoly_scheme.pdb_strand_id 
_pdbx_nonpoly_scheme.pdb_ins_code 
C 2 HOH 1 201 2  HOH HOH A . 
C 2 HOH 2 202 11 HOH HOH A . 
C 2 HOH 3 203 3  HOH HOH A . 
C 2 HOH 4 204 10 HOH HOH A . 
C 2 HOH 5 205 5  HOH HOH A . 
C 2 HOH 6 206 6  HOH HOH A . 
C 2 HOH 7 207 8  HOH HOH A . 
C 2 HOH 8 208 9  HOH HOH A . 
D 2 HOH 1 201 4  HOH HOH B . 
D 2 HOH 2 202 1  HOH HOH B . 
D 2 HOH 3 203 7  HOH HOH B . 
# 
loop_
_software.citation_id 
_software.classification 
_software.compiler_name 
_software.compiler_version 
_software.contact_author 
_software.contact_author_email 
_software.date 
_software.description 
_software.dependencies 
_software.hardware 
_software.language 
_software.location 
_software.mods 
_software.name 
_software.os 
_software.os_version 
_software.type 
_software.version 
_software.pdbx_ordinal 
? 'data reduction'  ? ? ? ? ? ? ? ? ? ? ? HKL-2000    ? ? ? .                           1 
? 'data extraction' ? ? ? ? ? ? ? ? ? ? ? PDB_EXTRACT ? ? ? 3.14                        2 
? 'data scaling'    ? ? ? ? ? ? ? ? ? ? ? HKL-2000    ? ? ? .                           3 
? phasing           ? ? ? ? ? ? ? ? ? ? ? SHELX       ? ? ? .                           4 
? refinement        ? ? ? ? ? ? ? ? ? ? ? PHENIX      ? ? ? '(phenix.refine: 1.9_1692)' 5 
? 'data reduction'  ? ? ? ? ? ? ? ? ? ? ? DENZO       ? ? ? .                           6 
? 'data scaling'    ? ? ? ? ? ? ? ? ? ? ? SCALEPACK   ? ? ? .                           7 
# 
_cell.length_a           50.483 
_cell.length_b           21.113 
_cell.length_c           9.429 
_cell.angle_alpha        90.000 
_cell.angle_beta         90.000 
_cell.angle_gamma        90.000 
_cell.entry_id           4W5L 
_cell.Z_PDB              8 
_cell.pdbx_unique_axis   ? 
# 
_symmetry.entry_id                         4W5L 
_symmetry.cell_setting                     ? 
_symmetry.Int_Tables_number                18 
_symmetry.space_group_name_Hall            ? 
_symmetry.space_group_name_H-M             'P 21 21 2' 
_symmetry.pdbx_full_space_group_name_H-M   ? 
# 
_exptl.absorpt_coefficient_mu     ? 
_exptl.absorpt_correction_T_max   ? 
_exptl.absorpt_correction_T_min   ? 
_exptl.absorpt_correction_type    ? 
_exptl.absorpt_process_details    ? 
_exptl.entry_id                   4W5L 
_exptl.crystals_number            1 
_exptl.details                    ? 
_exptl.method                     'X-RAY DIFFRACTION' 
_exptl.method_details             ? 
# 
_exptl_crystal.colour                      ? 
_exptl_crystal.density_diffrn              ? 
_exptl_crystal.density_Matthews            1.89 
_exptl_crystal.density_method              ? 
_exptl_crystal.density_percent_sol         34.82 
_exptl_crystal.description                 ? 
_exptl_crystal.F_000                       ? 
_exptl_crystal.id                          1 
_exptl_crystal.preparation                 ? 
_exptl_crystal.size_max                    ? 
_exptl_crystal.size_mid                    ? 
_exptl_crystal.size_min                    ? 
_exptl_crystal.size_rad                    ? 
_exptl_crystal.colour_lustre               ? 
_exptl_crystal.colour_modifier             ? 
_exptl_crystal.colour_primary              ? 
_exptl_crystal.density_meas                ? 
_exptl_crystal.density_meas_esd            ? 
_exptl_crystal.density_meas_gt             ? 
_exptl_crystal.density_meas_lt             ? 
_exptl_crystal.density_meas_temp           ? 
_exptl_crystal.density_meas_temp_esd       ? 
_exptl_crystal.density_meas_temp_gt        ? 
_exptl_crystal.density_meas_temp_lt        ? 
_exptl_crystal.pdbx_crystal_image_url      ? 
_exptl_crystal.pdbx_crystal_image_format   ? 
_exptl_crystal.pdbx_mosaicity              ? 
_exptl_crystal.pdbx_mosaicity_esd          ? 
# 
_exptl_crystal_grow.apparatus       ? 
_exptl_crystal_grow.atmosphere      ? 
_exptl_crystal_grow.crystal_id      1 
_exptl_crystal_grow.details         ? 
_exptl_crystal_grow.method          'VAPOR DIFFUSION, SITTING DROP' 
_exptl_crystal_grow.method_ref      ? 
_exptl_crystal_grow.pH              7.5 
_exptl_crystal_grow.pressure        ? 
_exptl_crystal_grow.pressure_esd    ? 
_exptl_crystal_grow.seeding         ? 
_exptl_crystal_grow.seeding_ref     ? 
_exptl_crystal_grow.temp            293 
_exptl_crystal_grow.temp_details    ? 
_exptl_crystal_grow.temp_esd        ? 
_exptl_crystal_grow.time            ? 
_exptl_crystal_grow.pdbx_details    '0.2 M tri-sodium citrate, 0.1 M Hepes pH 7.5, and 30 % MPD' 
_exptl_crystal_grow.pdbx_pH_range   ? 
# 
_diffrn.ambient_environment    ? 
_diffrn.ambient_temp           100 
_diffrn.ambient_temp_details   ? 
_diffrn.ambient_temp_esd       ? 
_diffrn.crystal_id             1 
_diffrn.crystal_support        ? 
_diffrn.crystal_treatment      ? 
_diffrn.details                ? 
_diffrn.id                     1 
_diffrn.ambient_pressure       ? 
_diffrn.ambient_pressure_esd   ? 
_diffrn.ambient_pressure_gt    ? 
_diffrn.ambient_pressure_lt    ? 
_diffrn.ambient_temp_gt        ? 
_diffrn.ambient_temp_lt        ? 
# 
_diffrn_detector.details                      ? 
_diffrn_detector.detector                     CCD 
_diffrn_detector.diffrn_id                    1 
_diffrn_detector.type                         'MARMOSAIC 300 mm CCD' 
_diffrn_detector.area_resol_mean              ? 
_diffrn_detector.dtime                        ? 
_diffrn_detector.pdbx_frames_total            ? 
_diffrn_detector.pdbx_collection_time_total   ? 
_diffrn_detector.pdbx_collection_date         2011-10-20 
# 
_diffrn_radiation.collimation                      ? 
_diffrn_radiation.diffrn_id                        1 
_diffrn_radiation.filter_edge                      ? 
_diffrn_radiation.inhomogeneity                    ? 
_diffrn_radiation.monochromator                    ? 
_diffrn_radiation.polarisn_norm                    ? 
_diffrn_radiation.polarisn_ratio                   ? 
_diffrn_radiation.probe                            ? 
_diffrn_radiation.type                             ? 
_diffrn_radiation.xray_symbol                      ? 
_diffrn_radiation.wavelength_id                    1 
_diffrn_radiation.pdbx_monochromatic_or_laue_m_l   M 
_diffrn_radiation.pdbx_wavelength_list             ? 
_diffrn_radiation.pdbx_wavelength                  ? 
_diffrn_radiation.pdbx_diffrn_protocol             'SINGLE WAVELENGTH' 
_diffrn_radiation.pdbx_analyzer                    ? 
_diffrn_radiation.pdbx_scattering_type             x-ray 
# 
_diffrn_radiation_wavelength.id           1 
_diffrn_radiation_wavelength.wavelength   0.77490 
_diffrn_radiation_wavelength.wt           1.0 
# 
_diffrn_source.current                     ? 
_diffrn_source.details                     ? 
_diffrn_source.diffrn_id                   1 
_diffrn_source.power                       ? 
_diffrn_source.size                        ? 
_diffrn_source.source                      SYNCHROTRON 
_diffrn_source.target                      ? 
_diffrn_source.type                        'APS BEAMLINE 23-ID-B' 
_diffrn_source.voltage                     ? 
_diffrn_source.take-off_angle              ? 
_diffrn_source.pdbx_wavelength_list        0.77490 
_diffrn_source.pdbx_wavelength             ? 
_diffrn_source.pdbx_synchrotron_beamline   23-ID-B 
_diffrn_source.pdbx_synchrotron_site       APS 
# 
_reflns.B_iso_Wilson_estimate            5.630 
_reflns.entry_id                         4W5L 
_reflns.data_reduction_details           ? 
_reflns.data_reduction_method            ? 
_reflns.d_resolution_high                1.000 
_reflns.d_resolution_low                 50.000 
_reflns.details                          ? 
_reflns.limit_h_max                      ? 
_reflns.limit_h_min                      ? 
_reflns.limit_k_max                      ? 
_reflns.limit_k_min                      ? 
_reflns.limit_l_max                      ? 
_reflns.limit_l_min                      ? 
_reflns.number_all                       ? 
_reflns.number_obs                       4814 
_reflns.observed_criterion               ? 
_reflns.observed_criterion_F_max         ? 
_reflns.observed_criterion_F_min         ? 
_reflns.observed_criterion_I_max         ? 
_reflns.observed_criterion_I_min         ? 
_reflns.observed_criterion_sigma_F       ? 
_reflns.observed_criterion_sigma_I       ? 
_reflns.percent_possible_obs             80.300 
_reflns.R_free_details                   ? 
_reflns.Rmerge_F_all                     ? 
_reflns.Rmerge_F_obs                     ? 
_reflns.Friedel_coverage                 ? 
_reflns.number_gt                        ? 
_reflns.threshold_expression             ? 
_reflns.pdbx_redundancy                  3.300 
_reflns.pdbx_Rmerge_I_obs                0.055 
_reflns.pdbx_Rmerge_I_all                ? 
_reflns.pdbx_Rsym_value                  ? 
_reflns.pdbx_netI_over_av_sigmaI         16.970 
_reflns.pdbx_netI_over_sigmaI            14.600 
_reflns.pdbx_res_netI_over_av_sigmaI_2   ? 
_reflns.pdbx_res_netI_over_sigmaI_2      ? 
_reflns.pdbx_chi_squared                 1.002 
_reflns.pdbx_scaling_rejects             ? 
_reflns.pdbx_d_res_high_opt              ? 
_reflns.pdbx_d_res_low_opt               ? 
_reflns.pdbx_d_res_opt_method            ? 
_reflns.phase_calculation_details        ? 
_reflns.pdbx_Rrim_I_all                  ? 
_reflns.pdbx_Rpim_I_all                  ? 
_reflns.pdbx_d_opt                       ? 
_reflns.pdbx_number_measured_all         15931 
_reflns.pdbx_diffrn_id                   1 
_reflns.pdbx_ordinal                     1 
_reflns.pdbx_CC_half                     ? 
_reflns.pdbx_R_split                     ? 
# 
loop_
_reflns_shell.d_res_high 
_reflns_shell.d_res_low 
_reflns_shell.meanI_over_sigI_all 
_reflns_shell.meanI_over_sigI_obs 
_reflns_shell.number_measured_all 
_reflns_shell.number_measured_obs 
_reflns_shell.number_possible 
_reflns_shell.number_unique_all 
_reflns_shell.number_unique_obs 
_reflns_shell.percent_possible_all 
_reflns_shell.percent_possible_obs 
_reflns_shell.Rmerge_F_all 
_reflns_shell.Rmerge_F_obs 
_reflns_shell.Rmerge_I_all 
_reflns_shell.Rmerge_I_obs 
_reflns_shell.meanI_over_sigI_gt 
_reflns_shell.meanI_over_uI_all 
_reflns_shell.meanI_over_uI_gt 
_reflns_shell.number_measured_gt 
_reflns_shell.number_unique_gt 
_reflns_shell.percent_possible_gt 
_reflns_shell.Rmerge_F_gt 
_reflns_shell.Rmerge_I_gt 
_reflns_shell.pdbx_redundancy 
_reflns_shell.pdbx_Rsym_value 
_reflns_shell.pdbx_chi_squared 
_reflns_shell.pdbx_netI_over_sigmaI_all 
_reflns_shell.pdbx_netI_over_sigmaI_obs 
_reflns_shell.pdbx_Rrim_I_all 
_reflns_shell.pdbx_Rpim_I_all 
_reflns_shell.pdbx_rejects 
_reflns_shell.pdbx_ordinal 
_reflns_shell.pdbx_diffrn_id 
_reflns_shell.pdbx_CC_half 
_reflns_shell.pdbx_R_split 
1.000 1.040  ? ? ? ? ? 253 ? 43.200 ? ? ? ? 0.144 ? ? ? ? ? ? ? ? 1.800 ? 0.991 ? ? ? ? 0 1  1 ? ? 
1.040 1.080  ? ? ? ? ? 342 ? 59.200 ? ? ? ? 0.110 ? ? ? ? ? ? ? ? 2.400 ? 0.945 ? ? ? ? 0 2  1 ? ? 
1.080 1.130  ? ? ? ? ? 388 ? 67.500 ? ? ? ? 0.086 ? ? ? ? ? ? ? ? 3.000 ? 1.038 ? ? ? ? 0 3  1 ? ? 
1.130 1.190  ? ? ? ? ? 468 ? 77.500 ? ? ? ? 0.076 ? ? ? ? ? ? ? ? 3.000 ? 1.013 ? ? ? ? 0 4  1 ? ? 
1.190 1.260  ? ? ? ? ? 466 ? 82.500 ? ? ? ? 0.089 ? ? ? ? ? ? ? ? 2.800 ? 1.018 ? ? ? ? 0 5  1 ? ? 
1.260 1.360  ? ? ? ? ? 538 ? 88.100 ? ? ? ? 0.079 ? ? ? ? ? ? ? ? 3.100 ? 0.970 ? ? ? ? 0 6  1 ? ? 
1.360 1.490  ? ? ? ? ? 552 ? 96.200 ? ? ? ? 0.080 ? ? ? ? ? ? ? ? 3.400 ? 1.002 ? ? ? ? 0 7  1 ? ? 
1.490 1.710  ? ? ? ? ? 579 ? 97.100 ? ? ? ? 0.064 ? ? ? ? ? ? ? ? 3.700 ? 1.018 ? ? ? ? 0 8  1 ? ? 
1.710 2.150  ? ? ? ? ? 600 ? 96.300 ? ? ? ? 0.045 ? ? ? ? ? ? ? ? 4.200 ? 1.014 ? ? ? ? 0 9  1 ? ? 
2.150 50.000 ? ? ? ? ? 628 ? 91.400 ? ? ? ? 0.045 ? ? ? ? ? ? ? ? 4.200 ? 0.983 ? ? ? ? 0 10 1 ? ? 
# 
_refine.aniso_B[1][1]                            ? 
_refine.aniso_B[1][2]                            ? 
_refine.aniso_B[1][3]                            ? 
_refine.aniso_B[2][2]                            ? 
_refine.aniso_B[2][3]                            ? 
_refine.aniso_B[3][3]                            ? 
_refine.B_iso_max                                47.420 
_refine.B_iso_mean                               10.0770 
_refine.B_iso_min                                3.080 
_refine.correlation_coeff_Fo_to_Fc               ? 
_refine.correlation_coeff_Fo_to_Fc_free          ? 
_refine.details                                  ? 
_refine.diff_density_max                         ? 
_refine.diff_density_max_esd                     ? 
_refine.diff_density_min                         ? 
_refine.diff_density_min_esd                     ? 
_refine.diff_density_rms                         ? 
_refine.diff_density_rms_esd                     ? 
_refine.entry_id                                 4W5L 
_refine.pdbx_refine_id                           'X-RAY DIFFRACTION' 
_refine.ls_abs_structure_details                 ? 
_refine.ls_abs_structure_Flack                   ? 
_refine.ls_abs_structure_Flack_esd               ? 
_refine.ls_abs_structure_Rogers                  ? 
_refine.ls_abs_structure_Rogers_esd              ? 
_refine.ls_d_res_high                            1.0 
_refine.ls_d_res_low                             13.1590 
_refine.ls_extinction_coef                       ? 
_refine.ls_extinction_coef_esd                   ? 
_refine.ls_extinction_expression                 ? 
_refine.ls_extinction_method                     ? 
_refine.ls_goodness_of_fit_all                   ? 
_refine.ls_goodness_of_fit_all_esd               ? 
_refine.ls_goodness_of_fit_obs                   ? 
_refine.ls_goodness_of_fit_obs_esd               ? 
_refine.ls_hydrogen_treatment                    ? 
_refine.ls_matrix_type                           ? 
_refine.ls_number_constraints                    ? 
_refine.ls_number_parameters                     ? 
_refine.ls_number_reflns_all                     ? 
_refine.ls_number_reflns_obs                     4720 
_refine.ls_number_reflns_R_free                  213 
_refine.ls_number_reflns_R_work                  4507 
_refine.ls_number_restraints                     ? 
_refine.ls_percent_reflns_obs                    79.2200 
_refine.ls_percent_reflns_R_free                 4.5100 
_refine.ls_R_factor_all                          ? 
_refine.ls_R_factor_obs                          0.1686 
_refine.ls_R_factor_R_free                       0.1769 
_refine.ls_R_factor_R_free_error                 ? 
_refine.ls_R_factor_R_free_error_details         ? 
_refine.ls_R_factor_R_work                       0.1682 
_refine.ls_R_Fsqd_factor_obs                     ? 
_refine.ls_R_I_factor_obs                        ? 
_refine.ls_redundancy_reflns_all                 ? 
_refine.ls_redundancy_reflns_obs                 ? 
_refine.ls_restrained_S_all                      ? 
_refine.ls_restrained_S_obs                      ? 
_refine.ls_shift_over_esd_max                    ? 
_refine.ls_shift_over_esd_mean                   ? 
_refine.ls_structure_factor_coef                 ? 
_refine.ls_weighting_details                     ? 
_refine.ls_weighting_scheme                      ? 
_refine.ls_wR_factor_all                         ? 
_refine.ls_wR_factor_obs                         ? 
_refine.ls_wR_factor_R_free                      ? 
_refine.ls_wR_factor_R_work                      ? 
_refine.occupancy_max                            ? 
_refine.occupancy_min                            ? 
_refine.solvent_model_details                    'FLAT BULK SOLVENT MODEL' 
_refine.solvent_model_param_bsol                 ? 
_refine.solvent_model_param_ksol                 ? 
_refine.ls_R_factor_gt                           ? 
_refine.ls_goodness_of_fit_gt                    ? 
_refine.ls_goodness_of_fit_ref                   ? 
_refine.ls_shift_over_su_max                     ? 
_refine.ls_shift_over_su_max_lt                  ? 
_refine.ls_shift_over_su_mean                    ? 
_refine.ls_shift_over_su_mean_lt                 ? 
_refine.pdbx_ls_sigma_I                          ? 
_refine.pdbx_ls_sigma_F                          1.010 
_refine.pdbx_ls_sigma_Fsqd                       ? 
_refine.pdbx_data_cutoff_high_absF               ? 
_refine.pdbx_data_cutoff_high_rms_absF           ? 
_refine.pdbx_data_cutoff_low_absF                ? 
_refine.pdbx_isotropic_thermal_model             ? 
_refine.pdbx_ls_cross_valid_method               'FREE R-VALUE' 
_refine.pdbx_method_to_determine_struct          ? 
_refine.pdbx_starting_model                      ? 
_refine.pdbx_stereochemistry_target_values       ML 
_refine.pdbx_R_Free_selection_details            ? 
_refine.pdbx_stereochem_target_val_spec_case     ? 
_refine.pdbx_overall_ESU_R                       ? 
_refine.pdbx_overall_ESU_R_Free                  ? 
_refine.pdbx_solvent_vdw_probe_radii             1.1100 
_refine.pdbx_solvent_ion_probe_radii             ? 
_refine.pdbx_solvent_shrinkage_radii             0.9000 
_refine.pdbx_real_space_R                        ? 
_refine.pdbx_density_correlation                 ? 
_refine.pdbx_pd_number_of_powder_patterns        ? 
_refine.pdbx_pd_number_of_points                 ? 
_refine.pdbx_pd_meas_number_of_points            ? 
_refine.pdbx_pd_proc_ls_prof_R_factor            ? 
_refine.pdbx_pd_proc_ls_prof_wR_factor           ? 
_refine.pdbx_pd_Marquardt_correlation_coeff      ? 
_refine.pdbx_pd_Fsqrd_R_factor                   ? 
_refine.pdbx_pd_ls_matrix_band_width             ? 
_refine.pdbx_overall_phase_error                 20.9500 
_refine.pdbx_overall_SU_R_free_Cruickshank_DPI   ? 
_refine.pdbx_overall_SU_R_free_Blow_DPI          ? 
_refine.pdbx_overall_SU_R_Blow_DPI               ? 
_refine.pdbx_TLS_residual_ADP_flag               ? 
_refine.pdbx_diffrn_id                           1 
_refine.overall_SU_B                             ? 
_refine.overall_SU_ML                            0.0800 
_refine.overall_SU_R_Cruickshank_DPI             ? 
_refine.overall_SU_R_free                        ? 
_refine.overall_FOM_free_R_set                   ? 
_refine.overall_FOM_work_R_set                   ? 
# 
_refine_hist.cycle_id                         final 
_refine_hist.pdbx_refine_id                   'X-RAY DIFFRACTION' 
_refine_hist.d_res_high                       1.0 
_refine_hist.d_res_low                        13.1590 
_refine_hist.pdbx_number_atoms_ligand         0 
_refine_hist.number_atoms_solvent             11 
_refine_hist.number_atoms_total               105 
_refine_hist.pdbx_number_residues_total       14 
_refine_hist.pdbx_B_iso_mean_solvent          35.85 
_refine_hist.pdbx_number_atoms_protein        94 
_refine_hist.pdbx_number_atoms_nucleic_acid   0 
# 
loop_
_refine_ls_restr.pdbx_refine_id 
_refine_ls_restr.criterion 
_refine_ls_restr.dev_ideal 
_refine_ls_restr.dev_ideal_target 
_refine_ls_restr.number 
_refine_ls_restr.rejects 
_refine_ls_restr.type 
_refine_ls_restr.weight 
_refine_ls_restr.pdbx_restraint_function 
'X-RAY DIFFRACTION' ? 0.005 ? 108 ? f_bond_d           ? ? 
'X-RAY DIFFRACTION' ? 1.208 ? 144 ? f_angle_d          ? ? 
'X-RAY DIFFRACTION' ? 0.045 ? 14  ? f_chiral_restr     ? ? 
'X-RAY DIFFRACTION' ? 0.004 ? 19  ? f_plane_restr      ? ? 
'X-RAY DIFFRACTION' ? 8.691 ? 36  ? f_dihedral_angle_d ? ? 
# 
loop_
_refine_ls_shell.pdbx_refine_id 
_refine_ls_shell.d_res_high 
_refine_ls_shell.d_res_low 
_refine_ls_shell.number_reflns_all 
_refine_ls_shell.number_reflns_obs 
_refine_ls_shell.number_reflns_R_free 
_refine_ls_shell.number_reflns_R_work 
_refine_ls_shell.percent_reflns_obs 
_refine_ls_shell.percent_reflns_R_free 
_refine_ls_shell.R_factor_all 
_refine_ls_shell.R_factor_obs 
_refine_ls_shell.R_factor_R_free 
_refine_ls_shell.R_factor_R_free_error 
_refine_ls_shell.R_factor_R_work 
_refine_ls_shell.redundancy_reflns_all 
_refine_ls_shell.redundancy_reflns_obs 
_refine_ls_shell.wR_factor_all 
_refine_ls_shell.wR_factor_obs 
_refine_ls_shell.wR_factor_R_free 
_refine_ls_shell.wR_factor_R_work 
_refine_ls_shell.pdbx_total_number_of_bins_used 
_refine_ls_shell.pdbx_phase_error 
'X-RAY DIFFRACTION' 0.9990 1.2585  1872 . 89  1783 65.0000 . . . 0.1638 . 0.1430 . . . . . . 2 . 
'X-RAY DIFFRACTION' 1.2585 13.1604 2848 . 124 2724 93.0000 . . . 0.1808 . 0.1761 . . . . . . 2 . 
# 
_struct.entry_id                     4W5L 
_struct.title                        'Crystal structure of a prp peptide' 
_struct.pdbx_model_details           ? 
_struct.pdbx_formula_weight          ? 
_struct.pdbx_formula_weight_method   ? 
_struct.pdbx_model_type_details      ? 
_struct.pdbx_CASP_flag               ? 
# 
_struct_keywords.entry_id        4W5L 
_struct_keywords.text            'prion peptide, de novo protein, membrane protein' 
_struct_keywords.pdbx_keywords   'de novo protein, membrane protein' 
# 
loop_
_struct_asym.id 
_struct_asym.pdbx_blank_PDB_chainid_flag 
_struct_asym.pdbx_modified 
_struct_asym.entity_id 
_struct_asym.details 
A N N 1 ? 
B N N 1 ? 
C N N 2 ? 
D N N 2 ? 
# 
_struct_ref.id                         1 
_struct_ref.db_name                    PDB 
_struct_ref.db_code                    4W5L 
_struct_ref.pdbx_db_accession          4W5L 
_struct_ref.pdbx_db_isoform            ? 
_struct_ref.entity_id                  1 
_struct_ref.pdbx_seq_one_letter_code   ? 
_struct_ref.pdbx_align_begin           1 
# 
loop_
_struct_ref_seq.align_id 
_struct_ref_seq.ref_id 
_struct_ref_seq.pdbx_PDB_id_code 
_struct_ref_seq.pdbx_strand_id 
_struct_ref_seq.seq_align_beg 
_struct_ref_seq.pdbx_seq_align_beg_ins_code 
_struct_ref_seq.seq_align_end 
_struct_ref_seq.pdbx_seq_align_end_ins_code 
_struct_ref_seq.pdbx_db_accession 
_struct_ref_seq.db_align_beg 
_struct_ref_seq.pdbx_db_align_beg_ins_code 
_struct_ref_seq.db_align_end 
_struct_ref_seq.pdbx_db_align_end_ins_code 
_struct_ref_seq.pdbx_auth_seq_align_beg 
_struct_ref_seq.pdbx_auth_seq_align_end 
1 1 4W5L A 1 ? 7 ? 4W5L 126 ? 132 ? 126 132 
2 1 4W5L B 1 ? 7 ? 4W5L 126 ? 132 ? 126 132 
# 
_pdbx_struct_assembly.id                   1 
_pdbx_struct_assembly.details              author_defined_assembly 
_pdbx_struct_assembly.method_details       ? 
_pdbx_struct_assembly.oligomeric_details   dodecameric 
_pdbx_struct_assembly.oligomeric_count     12 
# 
_pdbx_struct_assembly_gen.assembly_id       1 
_pdbx_struct_assembly_gen.oper_expression   1,2,3,4,5,6 
_pdbx_struct_assembly_gen.asym_id_list      A,B,C,D 
# 
loop_
_pdbx_struct_oper_list.id 
_pdbx_struct_oper_list.type 
_pdbx_struct_oper_list.name 
_pdbx_struct_oper_list.symmetry_operation 
_pdbx_struct_oper_list.matrix[1][1] 
_pdbx_struct_oper_list.matrix[1][2] 
_pdbx_struct_oper_list.matrix[1][3] 
_pdbx_struct_oper_list.vector[1] 
_pdbx_struct_oper_list.matrix[2][1] 
_pdbx_struct_oper_list.matrix[2][2] 
_pdbx_struct_oper_list.matrix[2][3] 
_pdbx_struct_oper_list.vector[2] 
_pdbx_struct_oper_list.matrix[3][1] 
_pdbx_struct_oper_list.matrix[3][2] 
_pdbx_struct_oper_list.matrix[3][3] 
_pdbx_struct_oper_list.vector[3] 
1 'identity operation'         1_555 x,y,z             1.0000000000  0.0000000000 0.0000000000  0.0000000000  0.0000000000 1.0000000000  0.0000000000  0.0000000000  0.0000000000  0.0000000000  1.0000000000 0.0000000000  
2 'crystal symmetry operation' 1_556 x,y,z+1           1.0000000000  0.0000000000 0.0000000000  -9.2063699175 0.0000000000 1.0000000000  0.0000000000  2.0191946999  0.0000000000  0.0000000000  1.0000000000 0.2676690245  
3 'crystal symmetry operation' 1_565 x,y+1,z           1.0000000000  0.0000000000 0.0000000000  -0.0769845375 0.0000000000 1.0000000000  0.0000000000  -3.1190637989 0.0000000000  0.0000000000  1.0000000000 20.8811944917 
4 'crystal symmetry operation' 1_566 x,y+1,z+1         1.0000000000  0.0000000000 0.0000000000  -9.2833544550 0.0000000000 1.0000000000  0.0000000000  -1.0998690990 0.0000000000  0.0000000000  1.0000000000 21.1488635162 
5 'crystal symmetry operation' 3_555 -x+1/2,y+1/2,-z   -0.9999734089 0.0010773526 -0.0072125518 3.4347268824  0.0010773526 -0.9563505660 -0.2922198388 1.1685984849  -0.0072125518 -0.2922198388 0.9563239749 10.8609083010 
6 'crystal symmetry operation' 3_556 -x+1/2,y+1/2,-z+1 -0.9999734089 0.0010773526 -0.0072125518 -5.7716430351 0.0010773526 -0.9563505660 -0.2922198388 3.1877931848  -0.0072125518 -0.2922198388 0.9563239749 11.1285773256 
# 
_struct_biol.details                      
;BIOLOGICAL UNIT DISPLAYS ONLY A PORTION OF THE CRYSTAL LATTICE TO DEMONSTRATE THE CRYSTAL PACKING CONTENT. THE CRYSTAL    PACKING IS FORMED BY A REPETITION IN BOTH DIRECTIONS OF THE PORTION INDICATED IN REMARK 350.
;
_struct_biol.id                           1 
_struct_biol.pdbx_parent_biol_id          ? 
_struct_biol.pdbx_formula_weight          ? 
_struct_biol.pdbx_formula_weight_method   ? 
_struct_biol.pdbx_aggregation_state       ? 
_struct_biol.pdbx_assembly_method         ? 
# 
_struct_sheet.id               AA1 
_struct_sheet.type             ? 
_struct_sheet.number_strands   2 
_struct_sheet.details          ? 
# 
_struct_sheet_order.sheet_id     AA1 
_struct_sheet_order.range_id_1   1 
_struct_sheet_order.range_id_2   2 
_struct_sheet_order.offset       ? 
_struct_sheet_order.sense        anti-parallel 
# 
loop_
_struct_sheet_range.sheet_id 
_struct_sheet_range.id 
_struct_sheet_range.beg_label_comp_id 
_struct_sheet_range.beg_label_asym_id 
_struct_sheet_range.beg_label_seq_id 
_struct_sheet_range.pdbx_beg_PDB_ins_code 
_struct_sheet_range.end_label_comp_id 
_struct_sheet_range.end_label_asym_id 
_struct_sheet_range.end_label_seq_id 
_struct_sheet_range.pdbx_end_PDB_ins_code 
_struct_sheet_range.beg_auth_comp_id 
_struct_sheet_range.beg_auth_asym_id 
_struct_sheet_range.beg_auth_seq_id 
_struct_sheet_range.end_auth_comp_id 
_struct_sheet_range.end_auth_asym_id 
_struct_sheet_range.end_auth_seq_id 
AA1 1 TYR A 3 ? GLY A 6 ? TYR A 128 GLY A 131 
AA1 2 TYR B 3 ? GLY B 6 ? TYR B 128 GLY B 131 
# 
_pdbx_struct_sheet_hbond.sheet_id                AA1 
_pdbx_struct_sheet_hbond.range_id_1              1 
_pdbx_struct_sheet_hbond.range_id_2              2 
_pdbx_struct_sheet_hbond.range_1_label_atom_id   N 
_pdbx_struct_sheet_hbond.range_1_label_comp_id   LEU 
_pdbx_struct_sheet_hbond.range_1_label_asym_id   A 
_pdbx_struct_sheet_hbond.range_1_label_seq_id    5 
_pdbx_struct_sheet_hbond.range_1_PDB_ins_code    ? 
_pdbx_struct_sheet_hbond.range_1_auth_atom_id    N 
_pdbx_struct_sheet_hbond.range_1_auth_comp_id    LEU 
_pdbx_struct_sheet_hbond.range_1_auth_asym_id    A 
_pdbx_struct_sheet_hbond.range_1_auth_seq_id     130 
_pdbx_struct_sheet_hbond.range_2_label_atom_id   O 
_pdbx_struct_sheet_hbond.range_2_label_comp_id   LEU 
_pdbx_struct_sheet_hbond.range_2_label_asym_id   B 
_pdbx_struct_sheet_hbond.range_2_label_seq_id    4 
_pdbx_struct_sheet_hbond.range_2_PDB_ins_code    ? 
_pdbx_struct_sheet_hbond.range_2_auth_atom_id    O 
_pdbx_struct_sheet_hbond.range_2_auth_comp_id    LEU 
_pdbx_struct_sheet_hbond.range_2_auth_asym_id    B 
_pdbx_struct_sheet_hbond.range_2_auth_seq_id     129 
# 
loop_
_pdbx_struct_special_symmetry.id 
_pdbx_struct_special_symmetry.PDB_model_num 
_pdbx_struct_special_symmetry.auth_asym_id 
_pdbx_struct_special_symmetry.auth_comp_id 
_pdbx_struct_special_symmetry.auth_seq_id 
_pdbx_struct_special_symmetry.PDB_ins_code 
_pdbx_struct_special_symmetry.label_asym_id 
_pdbx_struct_special_symmetry.label_comp_id 
_pdbx_struct_special_symmetry.label_seq_id 
1 1 A HOH 202 ? C HOH . 
2 1 A HOH 204 ? C HOH . 
# 
loop_
_chem_comp_atom.comp_id 
_chem_comp_atom.atom_id 
_chem_comp_atom.type_symbol 
_chem_comp_atom.pdbx_aromatic_flag 
_chem_comp_atom.pdbx_stereo_config 
_chem_comp_atom.pdbx_ordinal 
GLY N    N N N 1  
GLY CA   C N N 2  
GLY C    C N N 3  
GLY O    O N N 4  
GLY OXT  O N N 5  
GLY H    H N N 6  
GLY H2   H N N 7  
GLY HA2  H N N 8  
GLY HA3  H N N 9  
GLY HXT  H N N 10 
HOH O    O N N 11 
HOH H1   H N N 12 
HOH H2   H N N 13 
LEU N    N N N 14 
LEU CA   C N S 15 
LEU C    C N N 16 
LEU O    O N N 17 
LEU CB   C N N 18 
LEU CG   C N N 19 
LEU CD1  C N N 20 
LEU CD2  C N N 21 
LEU OXT  O N N 22 
LEU H    H N N 23 
LEU H2   H N N 24 
LEU HA   H N N 25 
LEU HB2  H N N 26 
LEU HB3  H N N 27 
LEU HG   H N N 28 
LEU HD11 H N N 29 
LEU HD12 H N N 30 
LEU HD13 H N N 31 
LEU HD21 H N N 32 
LEU HD22 H N N 33 
LEU HD23 H N N 34 
LEU HXT  H N N 35 
SER N    N N N 36 
SER CA   C N S 37 
SER C    C N N 38 
SER O    O N N 39 
SER CB   C N N 40 
SER OG   O N N 41 
SER OXT  O N N 42 
SER H    H N N 43 
SER H2   H N N 44 
SER HA   H N N 45 
SER HB2  H N N 46 
SER HB3  H N N 47 
SER HG   H N N 48 
SER HXT  H N N 49 
TYR N    N N N 50 
TYR CA   C N S 51 
TYR C    C N N 52 
TYR O    O N N 53 
TYR CB   C N N 54 
TYR CG   C Y N 55 
TYR CD1  C Y N 56 
TYR CD2  C Y N 57 
TYR CE1  C Y N 58 
TYR CE2  C Y N 59 
TYR CZ   C Y N 60 
TYR OH   O N N 61 
TYR OXT  O N N 62 
TYR H    H N N 63 
TYR H2   H N N 64 
TYR HA   H N N 65 
TYR HB2  H N N 66 
TYR HB3  H N N 67 
TYR HD1  H N N 68 
TYR HD2  H N N 69 
TYR HE1  H N N 70 
TYR HE2  H N N 71 
TYR HH   H N N 72 
TYR HXT  H N N 73 
# 
loop_
_chem_comp_bond.comp_id 
_chem_comp_bond.atom_id_1 
_chem_comp_bond.atom_id_2 
_chem_comp_bond.value_order 
_chem_comp_bond.pdbx_aromatic_flag 
_chem_comp_bond.pdbx_stereo_config 
_chem_comp_bond.pdbx_ordinal 
GLY N   CA   sing N N 1  
GLY N   H    sing N N 2  
GLY N   H2   sing N N 3  
GLY CA  C    sing N N 4  
GLY CA  HA2  sing N N 5  
GLY CA  HA3  sing N N 6  
GLY C   O    doub N N 7  
GLY C   OXT  sing N N 8  
GLY OXT HXT  sing N N 9  
HOH O   H1   sing N N 10 
HOH O   H2   sing N N 11 
LEU N   CA   sing N N 12 
LEU N   H    sing N N 13 
LEU N   H2   sing N N 14 
LEU CA  C    sing N N 15 
LEU CA  CB   sing N N 16 
LEU CA  HA   sing N N 17 
LEU C   O    doub N N 18 
LEU C   OXT  sing N N 19 
LEU CB  CG   sing N N 20 
LEU CB  HB2  sing N N 21 
LEU CB  HB3  sing N N 22 
LEU CG  CD1  sing N N 23 
LEU CG  CD2  sing N N 24 
LEU CG  HG   sing N N 25 
LEU CD1 HD11 sing N N 26 
LEU CD1 HD12 sing N N 27 
LEU CD1 HD13 sing N N 28 
LEU CD2 HD21 sing N N 29 
LEU CD2 HD22 sing N N 30 
LEU CD2 HD23 sing N N 31 
LEU OXT HXT  sing N N 32 
SER N   CA   sing N N 33 
SER N   H    sing N N 34 
SER N   H2   sing N N 35 
SER CA  C    sing N N 36 
SER CA  CB   sing N N 37 
SER CA  HA   sing N N 38 
SER C   O    doub N N 39 
SER C   OXT  sing N N 40 
SER CB  OG   sing N N 41 
SER CB  HB2  sing N N 42 
SER CB  HB3  sing N N 43 
SER OG  HG   sing N N 44 
SER OXT HXT  sing N N 45 
TYR N   CA   sing N N 46 
TYR N   H    sing N N 47 
TYR N   H2   sing N N 48 
TYR CA  C    sing N N 49 
TYR CA  CB   sing N N 50 
TYR CA  HA   sing N N 51 
TYR C   O    doub N N 52 
TYR C   OXT  sing N N 53 
TYR CB  CG   sing N N 54 
TYR CB  HB2  sing N N 55 
TYR CB  HB3  sing N N 56 
TYR CG  CD1  doub Y N 57 
TYR CG  CD2  sing Y N 58 
TYR CD1 CE1  sing Y N 59 
TYR CD1 HD1  sing N N 60 
TYR CD2 CE2  doub Y N 61 
TYR CD2 HD2  sing N N 62 
TYR CE1 CZ   doub Y N 63 
TYR CE1 HE1  sing N N 64 
TYR CE2 CZ   sing Y N 65 
TYR CE2 HE2  sing N N 66 
TYR CZ  OH   sing N N 67 
TYR OH  HH   sing N N 68 
TYR OXT HXT  sing N N 69 
# 
_atom_sites.entry_id                    4W5L 
_atom_sites.fract_transf_matrix[1][1]   -0.00427854 
_atom_sites.fract_transf_matrix[1][2]   -0.01912688 
_atom_sites.fract_transf_matrix[1][3]   -0.00287279 
_atom_sites.fract_transf_matrix[2][1]   -0.00017270 
_atom_sites.fract_transf_matrix[2][2]   -0.00699717 
_atom_sites.fract_transf_matrix[2][3]   0.04684398 
_atom_sites.fract_transf_matrix[3][1]   -0.10355189 
_atom_sites.fract_transf_matrix[3][2]   0.02271160 
_atom_sites.fract_transf_matrix[3][3]   0.00301070 
_atom_sites.fract_transf_vector[1]      0.284129 
_atom_sites.fract_transf_vector[2]      0.258970 
_atom_sites.fract_transf_vector[3]      0.148216 
# 
loop_
_atom_type.symbol 
C 
N 
O 
# 
loop_
_atom_site.group_PDB 
_atom_site.id 
_atom_site.type_symbol 
_atom_site.label_atom_id 
_atom_site.label_alt_id 
_atom_site.label_comp_id 
_atom_site.label_asym_id 
_atom_site.label_entity_id 
_atom_site.label_seq_id 
_atom_site.pdbx_PDB_ins_code 
_atom_site.Cartn_x 
_atom_site.Cartn_y 
_atom_site.Cartn_z 
_atom_site.occupancy 
_atom_site.B_iso_or_equiv 
_atom_site.pdbx_formal_charge 
_atom_site.auth_seq_id 
_atom_site.auth_comp_id 
_atom_site.auth_asym_id 
_atom_site.auth_atom_id 
_atom_site.pdbx_PDB_model_num 
ATOM   1   N N   A GLY A 1 1 ? -0.022 13.406  0.539  0.51 11.07 ? 126 GLY A N   1 
ATOM   2   N N   B GLY A 1 1 ? -0.017 13.473  -0.881 0.49 9.69  ? 126 GLY A N   1 
ATOM   3   C CA  A GLY A 1 1 ? -0.727 12.254  0.013  0.51 10.46 ? 126 GLY A CA  1 
ATOM   4   C CA  B GLY A 1 1 ? -0.694 12.289  -0.390 0.49 8.78  ? 126 GLY A CA  1 
ATOM   5   C C   A GLY A 1 1 ? 0.126  11.004  0.051  0.51 9.05  ? 126 GLY A C   1 
ATOM   6   C C   B GLY A 1 1 ? 0.180  11.054  -0.449 0.49 6.96  ? 126 GLY A C   1 
ATOM   7   O O   A GLY A 1 1 ? 1.282  11.035  0.467  0.51 10.03 ? 126 GLY A O   1 
ATOM   8   O O   B GLY A 1 1 ? 1.402  11.141  -0.551 0.49 8.37  ? 126 GLY A O   1 
ATOM   9   N N   . GLY A 1 2 ? -0.455 9.894   -0.380 1.00 7.53  ? 127 GLY A N   1 
ATOM   10  C CA  . GLY A 1 2 ? 0.250  8.630   -0.410 1.00 5.10  ? 127 GLY A CA  1 
ATOM   11  C C   . GLY A 1 2 ? -0.738 7.506   -0.634 1.00 3.54  ? 127 GLY A C   1 
ATOM   12  O O   . GLY A 1 2 ? -1.922 7.747   -0.849 1.00 4.92  ? 127 GLY A O   1 
ATOM   13  N N   . TYR A 1 3 ? -0.246 6.275   -0.563 1.00 3.88  ? 128 TYR A N   1 
ATOM   14  C CA  . TYR A 1 3 ? -1.029 5.099   -0.914 1.00 3.85  ? 128 TYR A CA  1 
ATOM   15  C C   . TYR A 1 3 ? -0.661 3.921   0.003  1.00 3.08  ? 128 TYR A C   1 
ATOM   16  O O   . TYR A 1 3 ? 0.483  3.798   0.467  1.00 3.40  ? 128 TYR A O   1 
ATOM   17  C CB  . TYR A 1 3 ? -0.795 4.727   -2.391 1.00 4.44  ? 128 TYR A CB  1 
ATOM   18  C CG  . TYR A 1 3 ? 0.674  4.590   -2.714 1.00 5.32  ? 128 TYR A CG  1 
ATOM   19  C CD1 . TYR A 1 3 ? 1.419  5.689   -3.122 1.00 5.58  ? 128 TYR A CD1 1 
ATOM   20  C CD2 . TYR A 1 3 ? 1.334  3.369   -2.566 1.00 4.87  ? 128 TYR A CD2 1 
ATOM   21  C CE1 . TYR A 1 3 ? 2.774  5.580   -3.386 1.00 5.91  ? 128 TYR A CE1 1 
ATOM   22  C CE2 . TYR A 1 3 ? 2.682  3.248   -2.828 1.00 5.68  ? 128 TYR A CE2 1 
ATOM   23  C CZ  . TYR A 1 3 ? 3.398  4.356   -3.237 1.00 5.50  ? 128 TYR A CZ  1 
ATOM   24  O OH  . TYR A 1 3 ? 4.743  4.233   -3.485 1.00 7.97  ? 128 TYR A OH  1 
ATOM   25  N N   . LEU A 1 4 ? -1.629 3.041   0.220  1.00 3.72  ? 129 LEU A N   1 
ATOM   26  C CA  . LEU A 1 4 ? -1.444 1.832   1.001  1.00 3.79  ? 129 LEU A CA  1 
ATOM   27  C C   . LEU A 1 4 ? -2.363 0.759   0.433  1.00 3.68  ? 129 LEU A C   1 
ATOM   28  O O   . LEU A 1 4 ? -3.572 0.950   0.379  1.00 4.09  ? 129 LEU A O   1 
ATOM   29  C CB  . LEU A 1 4 ? -1.751 2.071   2.478  1.00 4.76  ? 129 LEU A CB  1 
ATOM   30  C CG  . LEU A 1 4 ? -1.885 0.813   3.342  1.00 6.70  ? 129 LEU A CG  1 
ATOM   31  C CD1 . LEU A 1 4 ? -0.575 0.044   3.408  1.00 7.19  ? 129 LEU A CD1 1 
ATOM   32  C CD2 . LEU A 1 4 ? -2.359 1.211   4.729  1.00 8.44  ? 129 LEU A CD2 1 
ATOM   33  N N   . LEU A 1 5 ? -1.759 -0.340  -0.008 1.00 4.19  ? 130 LEU A N   1 
ATOM   34  C CA  A LEU A 1 5 ? -2.460 -1.488  -0.583 0.62 5.84  ? 130 LEU A CA  1 
ATOM   35  C CA  B LEU A 1 5 ? -2.473 -1.470  -0.573 0.38 4.38  ? 130 LEU A CA  1 
ATOM   36  C C   . LEU A 1 5 ? -2.122 -2.729  0.218  1.00 4.77  ? 130 LEU A C   1 
ATOM   37  O O   . LEU A 1 5 ? -0.954 -2.978  0.510  1.00 6.27  ? 130 LEU A O   1 
ATOM   38  C CB  A LEU A 1 5 ? -2.057 -1.729  -2.039 0.62 8.74  ? 130 LEU A CB  1 
ATOM   39  C CB  B LEU A 1 5 ? -2.109 -1.631  -2.050 0.38 4.52  ? 130 LEU A CB  1 
ATOM   40  C CG  A LEU A 1 5 ? -2.358 -0.724  -3.145 0.62 12.19 ? 130 LEU A CG  1 
ATOM   41  C CG  B LEU A 1 5 ? -2.626 -2.835  -2.833 0.38 7.05  ? 130 LEU A CG  1 
ATOM   42  C CD1 A LEU A 1 5 ? -1.414 0.470   -3.080 0.62 13.24 ? 130 LEU A CD1 1 
ATOM   43  C CD1 B LEU A 1 5 ? -4.142 -2.811  -2.923 0.38 8.28  ? 130 LEU A CD1 1 
ATOM   44  C CD2 A LEU A 1 5 ? -2.274 -1.402  -4.507 0.62 13.31 ? 130 LEU A CD2 1 
ATOM   45  C CD2 B LEU A 1 5 ? -2.000 -2.864  -4.220 0.38 7.62  ? 130 LEU A CD2 1 
ATOM   46  N N   . GLY A 1 6 ? -3.128 -3.515  0.561  1.00 5.71  ? 131 GLY A N   1 
ATOM   47  C CA  . GLY A 1 6 ? -2.910 -4.759  1.268  1.00 5.96  ? 131 GLY A CA  1 
ATOM   48  C C   . GLY A 1 6 ? -3.715 -5.874  0.635  1.00 7.34  ? 131 GLY A C   1 
ATOM   49  O O   . GLY A 1 6 ? -4.856 -5.673  0.215  1.00 8.39  ? 131 GLY A O   1 
ATOM   50  N N   . SER A 1 7 ? -3.109 -7.050  0.556  1.00 9.30  ? 132 SER A N   1 
ATOM   51  C CA  . SER A 1 7 ? -3.807 -8.245  0.103  1.00 12.77 ? 132 SER A CA  1 
ATOM   52  C C   . SER A 1 7 ? -3.469 -9.402  1.034  1.00 14.56 ? 132 SER A C   1 
ATOM   53  O O   . SER A 1 7 ? -2.613 -9.279  1.912  1.00 15.80 ? 132 SER A O   1 
ATOM   54  C CB  . SER A 1 7 ? -3.431 -8.589  -1.343 1.00 15.56 ? 132 SER A CB  1 
ATOM   55  O OG  . SER A 1 7 ? -2.035 -8.811  -1.473 1.00 17.21 ? 132 SER A OG  1 
ATOM   56  O OXT . SER A 1 7 ? -4.042 -10.489 0.934  1.00 17.33 ? 132 SER A OXT 1 
ATOM   57  N N   A GLY B 1 1 ? -0.893 -12.395 -1.031 0.44 12.58 ? 126 GLY B N   1 
ATOM   58  N N   B GLY B 1 1 ? -0.718 -12.962 0.629  0.56 12.57 ? 126 GLY B N   1 
ATOM   59  C CA  A GLY B 1 1 ? -0.826 -11.781 0.283  0.44 11.73 ? 126 GLY B CA  1 
ATOM   60  C CA  B GLY B 1 1 ? -0.824 -11.730 -0.135 0.56 12.95 ? 126 GLY B CA  1 
ATOM   61  C C   A GLY B 1 1 ? 0.425  -10.951 0.493  0.44 9.78  ? 126 GLY B C   1 
ATOM   62  C C   B GLY B 1 1 ? 0.436  -10.887 -0.082 0.56 12.48 ? 126 GLY B C   1 
ATOM   63  O O   A GLY B 1 1 ? 1.493  -11.485 0.785  0.44 9.83  ? 126 GLY B O   1 
ATOM   64  O O   B GLY B 1 1 ? 1.519  -11.355 -0.435 0.56 14.27 ? 126 GLY B O   1 
ATOM   65  N N   . GLY B 1 2 ? 0.288  -9.637  0.349  1.00 9.90  ? 127 GLY B N   1 
ATOM   66  C CA  . GLY B 1 2 ? 1.413  -8.733  0.486  1.00 7.71  ? 127 GLY B CA  1 
ATOM   67  C C   . GLY B 1 2 ? 0.928  -7.325  0.762  1.00 5.38  ? 127 GLY B C   1 
ATOM   68  O O   . GLY B 1 2 ? -0.251 -7.101  1.038  1.00 7.69  ? 127 GLY B O   1 
ATOM   69  N N   . TYR B 1 3 ? 1.838  -6.367  0.688  1.00 3.64  ? 128 TYR B N   1 
ATOM   70  C CA  . TYR B 1 3 ? 1.478  -4.981  0.929  1.00 3.42  ? 128 TYR B CA  1 
ATOM   71  C C   . TYR B 1 3 ? 2.376  -4.062  0.115  1.00 3.97  ? 128 TYR B C   1 
ATOM   72  O O   . TYR B 1 3 ? 3.491  -4.425  -0.270 1.00 4.52  ? 128 TYR B O   1 
ATOM   73  C CB  . TYR B 1 3 ? 1.547  -4.634  2.428  1.00 4.60  ? 128 TYR B CB  1 
ATOM   74  C CG  . TYR B 1 3 ? 2.856  -4.972  3.082  1.00 5.31  ? 128 TYR B CG  1 
ATOM   75  C CD1 . TYR B 1 3 ? 3.025  -6.175  3.760  1.00 6.16  ? 128 TYR B CD1 1 
ATOM   76  C CD2 . TYR B 1 3 ? 3.927  -4.091  3.022  1.00 5.43  ? 128 TYR B CD2 1 
ATOM   77  C CE1 . TYR B 1 3 ? 4.233  -6.494  4.351  1.00 5.77  ? 128 TYR B CE1 1 
ATOM   78  C CE2 . TYR B 1 3 ? 5.135  -4.400  3.612  1.00 5.77  ? 128 TYR B CE2 1 
ATOM   79  C CZ  . TYR B 1 3 ? 5.284  -5.599  4.274  1.00 5.58  ? 128 TYR B CZ  1 
ATOM   80  O OH  . TYR B 1 3 ? 6.497  -5.890  4.849  1.00 6.39  ? 128 TYR B OH  1 
ATOM   81  N N   . LEU B 1 4 ? 1.861  -2.873  -0.151 1.00 3.63  ? 129 LEU B N   1 
ATOM   82  C CA  . LEU B 1 4 ? 2.591  -1.852  -0.880 1.00 4.41  ? 129 LEU B CA  1 
ATOM   83  C C   . LEU B 1 4 ? 2.177  -0.519  -0.292 1.00 3.93  ? 129 LEU B C   1 
ATOM   84  O O   . LEU B 1 4 ? 0.990  -0.218  -0.222 1.00 5.74  ? 129 LEU B O   1 
ATOM   85  C CB  . LEU B 1 4 ? 2.279  -1.912  -2.374 1.00 5.94  ? 129 LEU B CB  1 
ATOM   86  C CG  . LEU B 1 4 ? 2.700  -0.683  -3.182 1.00 9.17  ? 129 LEU B CG  1 
ATOM   87  C CD1 . LEU B 1 4 ? 4.205  -0.477  -3.111 1.00 10.09 ? 129 LEU B CD1 1 
ATOM   88  C CD2 . LEU B 1 4 ? 2.223  -0.802  -4.623 1.00 11.42 ? 129 LEU B CD2 1 
ATOM   89  N N   . LEU B 1 5 ? 3.139  0.282   0.147  1.00 4.65  ? 130 LEU B N   1 
ATOM   90  C CA  . LEU B 1 5 ? 2.783  1.586   0.668  1.00 5.63  ? 130 LEU B CA  1 
ATOM   91  C C   . LEU B 1 5 ? 3.869  2.580   0.366  1.00 5.12  ? 130 LEU B C   1 
ATOM   92  O O   . LEU B 1 5 ? 5.017  2.222   0.120  1.00 4.65  ? 130 LEU B O   1 
ATOM   93  C CB  . LEU B 1 5 ? 2.492  1.513   2.166  1.00 8.86  ? 130 LEU B CB  1 
ATOM   94  C CG  . LEU B 1 5 ? 3.615  1.140   3.128  1.00 8.54  ? 130 LEU B CG  1 
ATOM   95  C CD1 . LEU B 1 5 ? 4.314  2.381   3.675  1.00 11.88 ? 130 LEU B CD1 1 
ATOM   96  C CD2 . LEU B 1 5 ? 3.087  0.287   4.278  1.00 11.17 ? 130 LEU B CD2 1 
ATOM   97  N N   . GLY B 1 6 ? 3.490  3.839   0.350  1.00 5.03  ? 131 GLY B N   1 
ATOM   98  C CA  . GLY B 1 6 ? 4.443  4.849   -0.023 1.00 5.15  ? 131 GLY B CA  1 
ATOM   99  C C   . GLY B 1 6 ? 3.814  6.201   -0.186 1.00 4.98  ? 131 GLY B C   1 
ATOM   100 O O   . GLY B 1 6 ? 2.632  6.415   0.124  1.00 4.54  ? 131 GLY B O   1 
ATOM   101 N N   . SER B 1 7 ? 4.637  7.115   -0.683 1.00 5.57  ? 132 SER B N   1 
ATOM   102 C CA  . SER B 1 7 ? 4.236  8.500   -0.842 1.00 7.12  ? 132 SER B CA  1 
ATOM   103 C C   . SER B 1 7 ? 5.173  9.225   -1.794 1.00 8.07  ? 132 SER B C   1 
ATOM   104 O O   . SER B 1 7 ? 6.146  8.639   -2.289 1.00 8.01  ? 132 SER B O   1 
ATOM   105 C CB  . SER B 1 7 ? 4.214  9.209   0.511  1.00 10.52 ? 132 SER B CB  1 
ATOM   106 O OG  . SER B 1 7 ? 5.525  9.327   1.029  1.00 13.77 ? 132 SER B OG  1 
ATOM   107 O OXT . SER B 1 7 ? 4.960  10.413  -2.063 1.00 10.38 ? 132 SER B OXT 1 
HETATM 108 O O   . HOH C 2 . ? 1.326  12.690  -3.218 1.00 26.56 ? 201 HOH A O   1 
HETATM 109 O O   . HOH C 2 . ? 0.439  15.256  -3.221 0.50 35.33 ? 202 HOH A O   1 
HETATM 110 O O   . HOH C 2 . ? -4.156 -7.650  3.908  1.00 25.80 ? 203 HOH A O   1 
HETATM 111 O O   . HOH C 2 . ? -1.419 -11.693 3.423  0.49 26.78 ? 204 HOH A O   1 
HETATM 112 O O   . HOH C 2 . ? 0.046  -6.109  -3.215 1.00 35.78 ? 205 HOH A O   1 
HETATM 113 O O   . HOH C 2 . ? -1.695 6.432   3.061  1.00 43.77 ? 206 HOH A O   1 
HETATM 114 O O   . HOH C 2 . ? -2.924 8.845   2.809  1.00 47.42 ? 207 HOH A O   1 
HETATM 115 O O   . HOH C 2 . ? -0.451 8.235   3.211  1.00 33.30 ? 208 HOH A O   1 
HETATM 116 O O   . HOH D 2 . ? -3.147 -11.628 -2.585 1.00 44.56 ? 201 HOH B O   1 
HETATM 117 O O   . HOH D 2 . ? -0.122 -8.412  3.694  1.00 23.58 ? 202 HOH B O   1 
HETATM 118 O O   . HOH D 2 . ? 1.673  7.270   2.917  1.00 45.84 ? 203 HOH B O   1 
# 
loop_
_atom_site_anisotrop.id 
_atom_site_anisotrop.type_symbol 
_atom_site_anisotrop.pdbx_label_atom_id 
_atom_site_anisotrop.pdbx_label_alt_id 
_atom_site_anisotrop.pdbx_label_comp_id 
_atom_site_anisotrop.pdbx_label_asym_id 
_atom_site_anisotrop.pdbx_label_seq_id 
_atom_site_anisotrop.pdbx_PDB_ins_code 
_atom_site_anisotrop.U[1][1] 
_atom_site_anisotrop.U[2][2] 
_atom_site_anisotrop.U[3][3] 
_atom_site_anisotrop.U[1][2] 
_atom_site_anisotrop.U[1][3] 
_atom_site_anisotrop.U[2][3] 
_atom_site_anisotrop.pdbx_auth_seq_id 
_atom_site_anisotrop.pdbx_auth_comp_id 
_atom_site_anisotrop.pdbx_auth_asym_id 
_atom_site_anisotrop.pdbx_auth_atom_id 
1   N N   A GLY A 1 ? 0.1581 0.0739 0.1888 -0.0060 -0.0322 -0.0220 126 GLY A N   
2   N N   B GLY A 1 ? 0.1490 0.0542 0.1651 -0.0165 -0.0222 0.0263  126 GLY A N   
3   C CA  A GLY A 1 ? 0.1382 0.0739 0.1851 -0.0171 -0.0092 -0.0210 126 GLY A CA  
4   C CA  B GLY A 1 ? 0.1214 0.0475 0.1649 -0.0106 -0.0204 0.0180  126 GLY A CA  
5   C C   A GLY A 1 ? 0.1084 0.0712 0.1643 -0.0179 0.0044  -0.0248 126 GLY A C   
6   C C   B GLY A 1 ? 0.0655 0.0449 0.1542 -0.0015 -0.0020 0.0122  126 GLY A C   
7   O O   A GLY A 1 ? 0.1279 0.0864 0.1670 -0.0325 0.0131  -0.0302 126 GLY A O   
8   O O   B GLY A 1 ? 0.1091 0.0475 0.1612 -0.0067 0.0197  0.0185  126 GLY A O   
9   N N   . GLY A 2 ? 0.0932 0.0501 0.1429 -0.0092 -0.0056 -0.0088 127 GLY A N   
10  C CA  . GLY A 2 ? 0.0681 0.0385 0.0871 -0.0010 -0.0028 0.0035  127 GLY A CA  
11  C C   . GLY A 2 ? 0.0538 0.0414 0.0392 0.0004  0.0121  0.0078  127 GLY A C   
12  O O   . GLY A 2 ? 0.0707 0.0421 0.0740 -0.0079 0.0030  0.0212  127 GLY A O   
13  N N   . TYR A 3 ? 0.0644 0.0394 0.0434 -0.0029 0.0013  0.0180  128 TYR A N   
14  C CA  . TYR A 3 ? 0.0746 0.0421 0.0299 0.0037  0.0070  0.0153  128 TYR A CA  
15  C C   . TYR A 3 ? 0.0519 0.0444 0.0208 -0.0032 0.0131  0.0030  128 TYR A C   
16  O O   . TYR A 3 ? 0.0419 0.0437 0.0435 -0.0010 0.0014  0.0087  128 TYR A O   
17  C CB  . TYR A 3 ? 0.0821 0.0574 0.0291 -0.0018 0.0047  0.0170  128 TYR A CB  
18  C CG  . TYR A 3 ? 0.1033 0.0627 0.0361 -0.0084 0.0203  0.0082  128 TYR A CG  
19  C CD1 . TYR A 3 ? 0.1101 0.0688 0.0331 -0.0048 0.0171  0.0052  128 TYR A CD1 
20  C CD2 . TYR A 3 ? 0.0893 0.0685 0.0272 -0.0091 0.0042  0.0123  128 TYR A CD2 
21  C CE1 . TYR A 3 ? 0.1016 0.0797 0.0430 -0.0133 0.0074  -0.0029 128 TYR A CE1 
22  C CE2 . TYR A 3 ? 0.1049 0.0747 0.0364 -0.0050 0.0244  -0.0044 128 TYR A CE2 
23  C CZ  . TYR A 3 ? 0.0820 0.0854 0.0417 -0.0115 0.0192  -0.0130 128 TYR A CZ  
24  O OH  . TYR A 3 ? 0.1243 0.1016 0.0770 -0.0236 0.0435  -0.0249 128 TYR A OH  
25  N N   . LEU A 4 ? 0.0533 0.0419 0.0460 -0.0038 -0.0032 0.0111  129 LEU A N   
26  C CA  . LEU A 4 ? 0.0591 0.0436 0.0413 -0.0084 -0.0036 0.0241  129 LEU A CA  
27  C C   . LEU A 4 ? 0.0438 0.0415 0.0547 -0.0065 0.0099  0.0086  129 LEU A C   
28  O O   . LEU A 4 ? 0.0392 0.0406 0.0756 -0.0046 0.0019  0.0035  129 LEU A O   
29  C CB  . LEU A 4 ? 0.0680 0.0684 0.0446 -0.0122 -0.0123 0.0288  129 LEU A CB  
30  C CG  . LEU A 4 ? 0.1078 0.0905 0.0562 -0.0134 0.0278  0.0259  129 LEU A CG  
31  C CD1 . LEU A 4 ? 0.1180 0.0875 0.0677 -0.0019 0.0054  0.0450  129 LEU A CD1 
32  C CD2 . LEU A 4 ? 0.1448 0.1017 0.0743 -0.0242 0.0352  0.0267  129 LEU A CD2 
33  N N   . LEU A 5 ? 0.0522 0.0429 0.0639 -0.0068 -0.0022 0.0167  130 LEU A N   
34  C CA  A LEU A 5 ? 0.0866 0.0552 0.0799 -0.0130 -0.0075 0.0069  130 LEU A CA  
35  C CA  B LEU A 5 ? 0.0412 0.0524 0.0726 -0.0016 -0.0079 0.0036  130 LEU A CA  
36  C C   . LEU A 5 ? 0.0457 0.0502 0.0853 -0.0049 0.0175  0.0099  130 LEU A C   
37  O O   . LEU A 5 ? 0.0601 0.0518 0.1266 -0.0024 0.0088  0.0204  130 LEU A O   
38  C CB  A LEU A 5 ? 0.1673 0.0749 0.0899 -0.0323 -0.0263 0.0170  130 LEU A CB  
39  C CB  B LEU A 5 ? 0.0386 0.0693 0.0639 -0.0044 -0.0276 -0.0023 130 LEU A CB  
40  C CG  A LEU A 5 ? 0.2508 0.0930 0.1194 -0.0409 -0.0327 0.0127  130 LEU A CG  
41  C CG  B LEU A 5 ? 0.1163 0.0834 0.0681 -0.0120 -0.0233 -0.0192 130 LEU A CG  
42  C CD1 A LEU A 5 ? 0.2908 0.0895 0.1228 -0.0303 -0.0463 0.0190  130 LEU A CD1 
43  C CD1 B LEU A 5 ? 0.1437 0.0848 0.0861 -0.0103 -0.0190 -0.0191 130 LEU A CD1 
44  C CD2 A LEU A 5 ? 0.2788 0.1034 0.1236 -0.0568 -0.0228 0.0088  130 LEU A CD2 
45  C CD2 B LEU A 5 ? 0.1501 0.0863 0.0530 -0.0113 -0.0268 -0.0153 130 LEU A CD2 
46  N N   . GLY A 6 ? 0.0631 0.0528 0.1010 -0.0130 -0.0001 0.0022  131 GLY A N   
47  C CA  . GLY A 6 ? 0.0786 0.0455 0.1024 -0.0065 0.0045  0.0077  131 GLY A CA  
48  C C   . GLY A 6 ? 0.0555 0.0553 0.1680 -0.0090 0.0059  -0.0126 131 GLY A C   
49  O O   . GLY A 6 ? 0.0537 0.0548 0.2104 -0.0006 0.0025  -0.0154 131 GLY A O   
50  N N   . SER A 7 ? 0.0789 0.0673 0.2072 -0.0004 -0.0120 -0.0320 132 SER A N   
51  C CA  . SER A 7 ? 0.1350 0.0898 0.2604 0.0104  -0.0385 -0.0452 132 SER A CA  
52  C C   . SER A 7 ? 0.1430 0.0985 0.3117 -0.0286 -0.0060 -0.0355 132 SER A C   
53  O O   . SER A 7 ? 0.2118 0.0880 0.3006 -0.0333 0.0136  -0.0283 132 SER A O   
54  C CB  . SER A 7 ? 0.2252 0.1245 0.2414 0.0140  -0.0477 -0.0631 132 SER A CB  
55  O OG  . SER A 7 ? 0.2893 0.1357 0.2288 0.0271  -0.0274 -0.0720 132 SER A OG  
56  O OXT . SER A 7 ? 0.1769 0.1208 0.3609 -0.0437 -0.0186 -0.0330 132 SER A OXT 
57  N N   A GLY B 1 ? 0.1511 0.0883 0.2384 -0.0437 0.0056  -0.0326 126 GLY B N   
58  N N   B GLY B 1 ? 0.1183 0.0807 0.2785 -0.0215 0.0123  -0.0175 126 GLY B N   
59  C CA  A GLY B 1 ? 0.1343 0.0781 0.2333 -0.0336 0.0163  -0.0266 126 GLY B CA  
60  C CA  B GLY B 1 ? 0.1317 0.0792 0.2810 -0.0185 0.0292  -0.0228 126 GLY B CA  
61  C C   A GLY B 1 ? 0.0909 0.0629 0.2180 -0.0153 0.0117  -0.0175 126 GLY B C   
62  C C   B GLY B 1 ? 0.1335 0.0734 0.2673 -0.0152 0.0228  -0.0217 126 GLY B C   
63  O O   A GLY B 1 ? 0.1076 0.0534 0.2124 0.0001  -0.0078 -0.0048 126 GLY B O   
64  O O   B GLY B 1 ? 0.1740 0.0774 0.2909 -0.0120 0.0171  -0.0225 126 GLY B O   
65  N N   . GLY B 2 ? 0.0967 0.0618 0.2176 -0.0139 0.0250  -0.0188 127 GLY B N   
66  C CA  . GLY B 2 ? 0.0848 0.0429 0.1652 -0.0046 0.0188  -0.0041 127 GLY B CA  
67  C C   . GLY B 2 ? 0.0490 0.0448 0.1104 -0.0079 -0.0113 0.0029  127 GLY B C   
68  O O   . GLY B 2 ? 0.0875 0.0434 0.1614 -0.0016 0.0008  -0.0016 127 GLY B O   
69  N N   . TYR B 3 ? 0.0574 0.0444 0.0363 -0.0020 0.0003  0.0083  128 TYR B N   
70  C CA  . TYR B 3 ? 0.0554 0.0479 0.0268 0.0020  -0.0066 0.0185  128 TYR B CA  
71  C C   . TYR B 3 ? 0.0615 0.0441 0.0455 0.0005  -0.0052 0.0054  128 TYR B C   
72  O O   . TYR B 3 ? 0.0626 0.0413 0.0679 -0.0013 -0.0082 0.0091  128 TYR B O   
73  C CB  . TYR B 3 ? 0.0826 0.0627 0.0296 0.0000  -0.0048 0.0188  128 TYR B CB  
74  C CG  . TYR B 3 ? 0.0946 0.0634 0.0435 -0.0056 -0.0148 0.0181  128 TYR B CG  
75  C CD1 . TYR B 3 ? 0.1095 0.0682 0.0563 -0.0123 -0.0197 0.0117  128 TYR B CD1 
76  C CD2 . TYR B 3 ? 0.1024 0.0596 0.0441 -0.0086 0.0019  0.0086  128 TYR B CD2 
77  C CE1 . TYR B 3 ? 0.0869 0.0794 0.0532 -0.0089 -0.0247 0.0011  128 TYR B CE1 
78  C CE2 . TYR B 3 ? 0.0974 0.0779 0.0440 -0.0238 -0.0104 0.0025  128 TYR B CE2 
79  C CZ  . TYR B 3 ? 0.0776 0.0870 0.0475 -0.0148 -0.0277 0.0046  128 TYR B CZ  
80  O OH  . TYR B 3 ? 0.1067 0.0989 0.0370 -0.0221 -0.0090 0.0123  128 TYR B OH  
81  N N   . LEU B 4 ? 0.0483 0.0373 0.0524 0.0019  -0.0062 0.0023  129 LEU B N   
82  C CA  . LEU B 4 ? 0.0690 0.0496 0.0490 -0.0021 -0.0005 0.0098  129 LEU B CA  
83  C C   . LEU B 4 ? 0.0385 0.0401 0.0709 0.0032  0.0184  0.0085  129 LEU B C   
84  O O   . LEU B 4 ? 0.0531 0.0510 0.1140 -0.0049 0.0059  -0.0053 129 LEU B O   
85  C CB  . LEU B 4 ? 0.1114 0.0781 0.0362 -0.0114 0.0100  0.0158  129 LEU B CB  
86  C CG  . LEU B 4 ? 0.1718 0.1102 0.0663 -0.0303 0.0123  0.0131  129 LEU B CG  
87  C CD1 . LEU B 4 ? 0.1595 0.1186 0.1053 -0.0323 0.0230  0.0029  129 LEU B CD1 
88  C CD2 . LEU B 4 ? 0.2429 0.1223 0.0688 -0.0355 0.0106  0.0140  129 LEU B CD2 
89  N N   . LEU B 5 ? 0.0467 0.0495 0.0804 0.0027  0.0047  0.0025  130 LEU B N   
90  C CA  . LEU B 5 ? 0.0779 0.0483 0.0877 0.0088  0.0066  -0.0045 130 LEU B CA  
91  C C   . LEU B 5 ? 0.0471 0.0485 0.0991 -0.0061 0.0092  0.0028  130 LEU B C   
92  O O   . LEU B 5 ? 0.0516 0.0492 0.0759 0.0050  0.0091  0.0077  130 LEU B O   
93  C CB  . LEU B 5 ? 0.1545 0.0844 0.0979 -0.0226 -0.0050 -0.0135 130 LEU B CB  
94  C CG  . LEU B 5 ? 0.1101 0.1070 0.1074 -0.0294 0.0096  -0.0065 130 LEU B CG  
95  C CD1 . LEU B 5 ? 0.2189 0.1145 0.1180 -0.0390 -0.0081 -0.0073 130 LEU B CD1 
96  C CD2 . LEU B 5 ? 0.1995 0.1202 0.1049 -0.0411 -0.0029 0.0079  130 LEU B CD2 
97  N N   . GLY B 6 ? 0.0599 0.0429 0.0884 0.0058  0.0024  0.0096  131 GLY B N   
98  C CA  . GLY B 6 ? 0.0848 0.0453 0.0658 0.0024  0.0149  0.0194  131 GLY B CA  
99  C C   . GLY B 6 ? 0.0593 0.0478 0.0823 0.0077  0.0012  0.0109  131 GLY B C   
100 O O   . GLY B 6 ? 0.0568 0.0445 0.0712 0.0060  0.0070  0.0101  131 GLY B O   
101 N N   . SER B 7 ? 0.0667 0.0539 0.0911 0.0017  0.0143  0.0166  132 SER B N   
102 C CA  . SER B 7 ? 0.0998 0.0642 0.1067 0.0064  0.0356  0.0174  132 SER B CA  
103 C C   . SER B 7 ? 0.1198 0.0665 0.1201 0.0037  0.0567  0.0286  132 SER B C   
104 O O   . SER B 7 ? 0.1101 0.0678 0.1266 -0.0012 0.0545  0.0217  132 SER B O   
105 C CB  . SER B 7 ? 0.1751 0.1068 0.1180 -0.0362 0.0267  -0.0028 132 SER B CB  
106 O OG  . SER B 7 ? 0.2543 0.1420 0.1269 -0.0768 0.0262  -0.0087 132 SER B OG  
107 O OXT . SER B 7 ? 0.1612 0.0720 0.1612 0.0045  0.0716  0.0289  132 SER B OXT 
108 O O   . HOH C . ? 0.4270 0.3164 0.2657 -0.1495 0.1701  -0.0844 201 HOH A O   
109 O O   . HOH C . ? 0.8266 0.2906 0.2250 -0.1423 -0.0338 0.0250  202 HOH A O   
110 O O   . HOH C . ? 0.3642 0.4017 0.2143 0.1528  -0.0342 -0.1235 203 HOH A O   
111 O O   . HOH C . ? 0.3857 0.2771 0.3550 0.0477  0.1738  0.1316  204 HOH A O   
112 O O   . HOH C . ? 0.6068 0.3639 0.3888 -0.1722 -0.2056 0.1639  205 HOH A O   
113 O O   . HOH C . ? 0.5968 0.6548 0.4114 0.0771  0.1941  -0.1254 206 HOH A O   
114 O O   . HOH C . ? 0.5356 0.7980 0.4680 -0.2617 -0.2171 0.0947  207 HOH A O   
115 O O   . HOH C . ? 0.3643 0.5423 0.3587 0.1237  0.1187  -0.1333 208 HOH A O   
116 O O   . HOH D . ? 0.9742 0.2826 0.4365 0.1022  0.2119  0.0448  201 HOH B O   
117 O O   . HOH D . ? 0.3444 0.3665 0.1850 -0.0689 0.0255  0.1196  202 HOH B O   
118 O O   . HOH D . ? 0.6723 0.6599 0.4095 0.3356  -0.1946 -0.2210 203 HOH B O   
# 
